data_2PT5
#
_entry.id   2PT5
#
_cell.length_a   51.598
_cell.length_b   57.932
_cell.length_c   97.143
_cell.angle_alpha   90.00
_cell.angle_beta   90.59
_cell.angle_gamma   90.00
#
_symmetry.space_group_name_H-M   'P 1 21 1'
#
loop_
_entity.id
_entity.type
_entity.pdbx_description
1 polymer 'Shikimate kinase'
2 non-polymer 1,2-ETHANEDIOL
3 non-polymer DI(HYDROXYETHYL)ETHER
4 water water
#
_entity_poly.entity_id   1
_entity_poly.type   'polypeptide(L)'
_entity_poly.pdbx_seq_one_letter_code
;(MSE)RIYLIGF(MSE)CSGKSTVGSLLSRSLNIPFYDVDEEVQKREGLSIPQIFEKKGEAYFRKLEFEVLKDLSEKENV
VISTGGGLGANEEALNF(MSE)KSRGTTVFIDIPFEVFLERCKDSKERPLLKRPLDEIKNLFEERRKIYSKADIKVKGEK
PPEEVVKEILLSLEGNALGG
;
_entity_poly.pdbx_strand_id   A,B,C,D
#
# COMPACT_ATOMS: atom_id res chain seq x y z
N ARG A 2 -11.51 5.60 -18.15
CA ARG A 2 -12.64 6.52 -18.07
C ARG A 2 -13.39 6.22 -16.78
N ILE A 3 -13.62 7.25 -15.98
CA ILE A 3 -14.32 7.09 -14.71
C ILE A 3 -15.55 7.99 -14.68
N TYR A 4 -16.71 7.37 -14.50
CA TYR A 4 -17.95 8.15 -14.47
C TYR A 4 -18.51 8.27 -13.07
N LEU A 5 -18.87 9.48 -12.67
CA LEU A 5 -19.45 9.71 -11.35
C LEU A 5 -20.94 9.95 -11.52
N ILE A 6 -21.76 9.21 -10.77
CA ILE A 6 -23.20 9.37 -10.87
C ILE A 6 -23.81 9.51 -9.48
N GLY A 7 -25.00 10.10 -9.43
CA GLY A 7 -25.68 10.29 -8.16
C GLY A 7 -26.46 11.59 -8.20
N PHE A 8 -27.07 11.94 -7.07
CA PHE A 8 -27.85 13.17 -7.02
C PHE A 8 -26.96 14.42 -7.07
N CYS A 10 -26.60 16.97 -5.25
CA CYS A 10 -25.94 17.38 -4.03
C CYS A 10 -25.06 16.28 -3.42
N SER A 11 -24.54 15.38 -4.24
CA SER A 11 -23.72 14.31 -3.69
C SER A 11 -22.21 14.59 -3.83
N GLY A 12 -21.87 15.79 -4.29
CA GLY A 12 -20.47 16.15 -4.45
C GLY A 12 -19.73 15.56 -5.64
N LYS A 13 -20.46 15.20 -6.69
CA LYS A 13 -19.86 14.62 -7.89
C LYS A 13 -18.79 15.54 -8.50
N SER A 14 -19.15 16.80 -8.68
CA SER A 14 -18.23 17.77 -9.26
C SER A 14 -16.94 17.96 -8.44
N THR A 15 -17.09 18.15 -7.13
CA THR A 15 -15.94 18.36 -6.25
C THR A 15 -15.05 17.11 -6.16
N VAL A 16 -15.66 15.96 -5.89
CA VAL A 16 -14.91 14.72 -5.81
C VAL A 16 -14.25 14.42 -7.16
N GLY A 17 -14.94 14.74 -8.25
CA GLY A 17 -14.40 14.52 -9.57
C GLY A 17 -13.10 15.27 -9.82
N SER A 18 -13.08 16.54 -9.43
CA SER A 18 -11.88 17.36 -9.59
C SER A 18 -10.71 16.79 -8.78
N LEU A 19 -10.98 16.52 -7.49
CA LEU A 19 -9.96 15.96 -6.60
C LEU A 19 -9.45 14.64 -7.17
N LEU A 20 -10.38 13.81 -7.63
CA LEU A 20 -10.02 12.53 -8.21
C LEU A 20 -9.13 12.70 -9.43
N SER A 21 -9.55 13.55 -10.37
CA SER A 21 -8.79 13.74 -11.59
C SER A 21 -7.39 14.27 -11.30
N ARG A 22 -7.28 15.02 -10.21
CA ARG A 22 -5.99 15.58 -9.82
C ARG A 22 -5.04 14.54 -9.24
N SER A 23 -5.59 13.57 -8.53
CA SER A 23 -4.77 12.51 -7.94
C SER A 23 -4.40 11.44 -8.96
N LEU A 24 -5.12 11.40 -10.09
CA LEU A 24 -4.85 10.41 -11.13
C LEU A 24 -4.19 11.06 -12.34
N ASN A 25 -4.00 12.38 -12.28
CA ASN A 25 -3.39 13.11 -13.39
C ASN A 25 -4.14 12.99 -14.70
N ILE A 26 -5.47 13.13 -14.64
CA ILE A 26 -6.30 13.06 -15.83
C ILE A 26 -7.30 14.19 -15.75
N PRO A 27 -7.78 14.70 -16.89
CA PRO A 27 -8.75 15.80 -16.89
C PRO A 27 -10.14 15.46 -16.33
N PHE A 28 -10.79 16.48 -15.78
CA PHE A 28 -12.12 16.32 -15.25
C PHE A 28 -13.11 17.13 -16.08
N TYR A 29 -14.29 16.57 -16.26
CA TYR A 29 -15.34 17.24 -17.03
C TYR A 29 -16.69 16.92 -16.41
N ASP A 30 -17.55 17.92 -16.39
CA ASP A 30 -18.90 17.78 -15.87
C ASP A 30 -19.84 17.99 -17.04
N VAL A 31 -20.68 17.00 -17.32
CA VAL A 31 -21.60 17.10 -18.46
C VAL A 31 -22.45 18.36 -18.47
N ASP A 32 -23.21 18.60 -17.41
CA ASP A 32 -24.07 19.79 -17.36
C ASP A 32 -23.30 21.07 -17.65
N GLU A 33 -22.11 21.21 -17.08
CA GLU A 33 -21.31 22.42 -17.31
C GLU A 33 -20.90 22.51 -18.78
N GLU A 34 -20.62 21.37 -19.40
CA GLU A 34 -20.23 21.36 -20.81
C GLU A 34 -21.45 21.63 -21.70
N VAL A 35 -22.59 21.08 -21.31
CA VAL A 35 -23.82 21.28 -22.08
C VAL A 35 -24.15 22.77 -22.13
N GLN A 36 -24.07 23.43 -20.99
CA GLN A 36 -24.35 24.85 -20.90
C GLN A 36 -23.36 25.66 -21.73
N LYS A 37 -22.07 25.42 -21.52
CA LYS A 37 -21.04 26.15 -22.27
C LYS A 37 -21.20 25.98 -23.78
N ARG A 38 -21.60 24.79 -24.22
CA ARG A 38 -21.80 24.54 -25.65
C ARG A 38 -22.99 25.32 -26.20
N GLU A 39 -24.12 25.27 -25.50
CA GLU A 39 -25.33 25.97 -25.92
C GLU A 39 -25.27 27.46 -25.61
N GLY A 40 -24.38 27.83 -24.70
CA GLY A 40 -24.26 29.22 -24.31
C GLY A 40 -25.46 29.63 -23.50
N LEU A 41 -26.27 28.65 -23.11
CA LEU A 41 -27.47 28.90 -22.33
C LEU A 41 -27.46 28.07 -21.06
N SER A 42 -28.10 28.59 -20.01
CA SER A 42 -28.18 27.89 -18.73
C SER A 42 -29.13 26.73 -18.96
N ILE A 43 -29.07 25.73 -18.09
CA ILE A 43 -29.95 24.59 -18.23
C ILE A 43 -31.39 25.07 -18.27
N PRO A 44 -31.84 25.84 -17.26
CA PRO A 44 -33.22 26.32 -17.28
C PRO A 44 -33.53 26.96 -18.63
N GLN A 45 -32.66 27.87 -19.06
CA GLN A 45 -32.83 28.54 -20.33
C GLN A 45 -32.97 27.54 -21.49
N ILE A 46 -32.31 26.39 -21.37
CA ILE A 46 -32.36 25.38 -22.42
C ILE A 46 -33.72 24.72 -22.68
N PHE A 47 -34.40 24.19 -21.65
CA PHE A 47 -35.70 23.58 -21.92
C PHE A 47 -36.71 24.66 -22.22
N GLU A 48 -36.32 25.93 -22.15
CA GLU A 48 -37.27 26.97 -22.47
C GLU A 48 -37.22 27.24 -23.95
N LYS A 49 -36.04 27.61 -24.43
CA LYS A 49 -35.82 27.90 -25.84
C LYS A 49 -36.10 26.62 -26.61
N LYS A 50 -35.45 25.54 -26.17
CA LYS A 50 -35.62 24.23 -26.78
C LYS A 50 -36.29 23.29 -25.79
N GLY A 51 -37.00 22.28 -26.29
CA GLY A 51 -37.67 21.35 -25.41
C GLY A 51 -36.70 20.56 -24.56
N GLU A 52 -37.20 19.93 -23.50
CA GLU A 52 -36.35 19.15 -22.61
C GLU A 52 -35.80 17.94 -23.35
N ALA A 53 -36.61 17.37 -24.24
CA ALA A 53 -36.17 16.23 -25.02
C ALA A 53 -34.85 16.61 -25.68
N TYR A 54 -34.77 17.86 -26.14
CA TYR A 54 -33.59 18.38 -26.79
C TYR A 54 -32.41 18.44 -25.80
N PHE A 55 -32.72 18.64 -24.52
CA PHE A 55 -31.69 18.71 -23.49
C PHE A 55 -31.28 17.31 -23.06
N ARG A 56 -32.25 16.42 -22.90
CA ARG A 56 -31.98 15.05 -22.49
C ARG A 56 -31.15 14.34 -23.55
N LYS A 57 -31.34 14.72 -24.81
CA LYS A 57 -30.60 14.11 -25.90
C LYS A 57 -29.24 14.80 -26.03
N LEU A 58 -29.21 16.08 -25.71
CA LEU A 58 -27.99 16.86 -25.79
C LEU A 58 -26.94 16.37 -24.78
N GLU A 59 -27.36 16.20 -23.53
CA GLU A 59 -26.41 15.76 -22.50
C GLU A 59 -25.88 14.36 -22.81
N PHE A 60 -26.68 13.53 -23.46
CA PHE A 60 -26.20 12.21 -23.79
C PHE A 60 -25.16 12.34 -24.90
N GLU A 61 -25.42 13.23 -25.85
CA GLU A 61 -24.48 13.48 -26.95
C GLU A 61 -23.17 13.97 -26.36
N VAL A 62 -23.27 14.92 -25.43
CA VAL A 62 -22.09 15.48 -24.79
C VAL A 62 -21.32 14.40 -24.04
N LEU A 63 -22.05 13.47 -23.43
CA LEU A 63 -21.42 12.39 -22.69
C LEU A 63 -20.56 11.57 -23.62
N LYS A 64 -21.14 11.18 -24.76
CA LYS A 64 -20.41 10.38 -25.75
C LYS A 64 -19.17 11.11 -26.26
N ASP A 65 -19.33 12.38 -26.64
CA ASP A 65 -18.20 13.17 -27.15
C ASP A 65 -17.06 13.23 -26.13
N LEU A 66 -17.41 13.47 -24.87
CA LEU A 66 -16.42 13.53 -23.78
C LEU A 66 -15.73 12.16 -23.62
N SER A 67 -16.49 11.09 -23.87
CA SER A 67 -16.00 9.73 -23.75
C SER A 67 -15.04 9.29 -24.86
N GLU A 68 -14.75 10.19 -25.79
CA GLU A 68 -13.81 9.85 -26.85
C GLU A 68 -12.43 9.83 -26.20
N LYS A 69 -12.26 10.64 -25.16
CA LYS A 69 -11.01 10.69 -24.43
C LYS A 69 -10.86 9.36 -23.71
N GLU A 70 -9.65 8.80 -23.69
CA GLU A 70 -9.43 7.52 -23.02
C GLU A 70 -9.20 7.68 -21.52
N ASN A 71 -8.64 8.82 -21.12
CA ASN A 71 -8.36 9.08 -19.72
C ASN A 71 -9.10 10.34 -19.31
N VAL A 72 -10.09 10.18 -18.44
CA VAL A 72 -10.90 11.32 -18.02
C VAL A 72 -11.88 10.93 -16.92
N VAL A 73 -12.24 11.90 -16.08
CA VAL A 73 -13.21 11.68 -15.03
C VAL A 73 -14.37 12.55 -15.48
N ILE A 74 -15.54 11.94 -15.62
CA ILE A 74 -16.72 12.68 -16.06
C ILE A 74 -17.81 12.58 -15.01
N SER A 75 -18.27 13.74 -14.52
CA SER A 75 -19.36 13.78 -13.55
C SER A 75 -20.61 13.95 -14.40
N THR A 76 -21.71 13.30 -14.00
CA THR A 76 -22.95 13.36 -14.76
C THR A 76 -24.06 14.09 -14.01
N GLY A 77 -25.09 14.51 -14.73
CA GLY A 77 -26.19 15.21 -14.08
C GLY A 77 -27.12 14.23 -13.38
N GLY A 78 -28.05 14.73 -12.57
CA GLY A 78 -28.96 13.85 -11.86
C GLY A 78 -29.72 12.88 -12.75
N GLY A 79 -30.32 13.41 -13.81
CA GLY A 79 -31.09 12.60 -14.73
C GLY A 79 -30.27 11.69 -15.61
N LEU A 80 -29.16 12.21 -16.13
CA LEU A 80 -28.29 11.40 -17.00
C LEU A 80 -27.82 10.13 -16.29
N GLY A 81 -27.40 10.27 -15.03
CA GLY A 81 -26.94 9.11 -14.30
C GLY A 81 -28.06 8.11 -14.01
N ALA A 82 -29.30 8.59 -14.09
CA ALA A 82 -30.45 7.74 -13.85
C ALA A 82 -30.98 7.19 -15.17
N ASN A 83 -30.30 7.53 -16.26
CA ASN A 83 -30.67 7.08 -17.61
C ASN A 83 -29.94 5.77 -17.89
N GLU A 84 -30.67 4.65 -17.82
CA GLU A 84 -30.07 3.35 -18.03
C GLU A 84 -29.32 3.18 -19.35
N GLU A 85 -29.81 3.79 -20.42
CA GLU A 85 -29.11 3.67 -21.68
C GLU A 85 -27.74 4.32 -21.50
N ALA A 86 -27.74 5.57 -21.04
CA ALA A 86 -26.50 6.30 -20.81
C ALA A 86 -25.62 5.55 -19.82
N LEU A 87 -26.25 4.90 -18.85
CA LEU A 87 -25.48 4.16 -17.85
C LEU A 87 -24.81 2.95 -18.48
N ASN A 88 -25.54 2.25 -19.35
CA ASN A 88 -24.96 1.08 -20.01
C ASN A 88 -23.85 1.51 -20.97
N PHE A 89 -24.02 2.68 -21.57
CA PHE A 89 -22.99 3.22 -22.45
C PHE A 89 -21.74 3.44 -21.59
N LYS A 91 -20.69 2.02 -18.83
CA LYS A 91 -20.04 0.78 -18.45
C LYS A 91 -19.21 0.19 -19.59
N SER A 92 -19.62 0.45 -20.83
CA SER A 92 -18.88 -0.09 -21.98
C SER A 92 -17.65 0.75 -22.29
N ARG A 93 -17.45 1.84 -21.55
CA ARG A 93 -16.31 2.70 -21.75
C ARG A 93 -15.40 2.75 -20.53
N GLY A 94 -15.96 2.52 -19.34
CA GLY A 94 -15.15 2.55 -18.15
C GLY A 94 -15.83 2.13 -16.85
N THR A 95 -15.37 2.70 -15.75
CA THR A 95 -15.90 2.39 -14.43
C THR A 95 -16.88 3.47 -13.99
N THR A 96 -18.06 3.04 -13.56
CA THR A 96 -19.10 3.94 -13.10
C THR A 96 -19.05 3.91 -11.58
N VAL A 97 -19.11 5.10 -10.98
CA VAL A 97 -19.02 5.24 -9.53
C VAL A 97 -20.22 6.00 -8.97
N PHE A 98 -20.95 5.35 -8.08
CA PHE A 98 -22.12 5.96 -7.47
C PHE A 98 -21.75 6.53 -6.11
N ILE A 99 -21.83 7.84 -5.99
CA ILE A 99 -21.55 8.51 -4.73
C ILE A 99 -22.92 8.62 -4.07
N ASP A 100 -23.16 7.71 -3.15
CA ASP A 100 -24.43 7.56 -2.45
C ASP A 100 -24.64 8.38 -1.17
N ILE A 101 -25.73 9.13 -1.13
CA ILE A 101 -26.10 9.90 0.06
C ILE A 101 -27.54 9.47 0.42
N PRO A 102 -27.83 9.33 1.71
CA PRO A 102 -29.17 8.94 2.20
C PRO A 102 -30.22 10.03 1.97
N PHE A 103 -31.49 9.65 2.00
CA PHE A 103 -32.56 10.61 1.76
C PHE A 103 -32.50 11.85 2.63
N GLU A 104 -32.19 11.71 3.91
CA GLU A 104 -32.13 12.88 4.79
C GLU A 104 -31.05 13.88 4.36
N VAL A 105 -29.93 13.40 3.84
CA VAL A 105 -28.86 14.28 3.39
C VAL A 105 -29.28 14.98 2.11
N PHE A 106 -29.88 14.21 1.21
CA PHE A 106 -30.38 14.68 -0.08
C PHE A 106 -31.33 15.85 0.18
N LEU A 107 -32.25 15.64 1.11
CA LEU A 107 -33.26 16.63 1.46
C LEU A 107 -32.65 17.93 1.97
N GLU A 108 -31.60 17.82 2.79
CA GLU A 108 -30.98 19.01 3.35
C GLU A 108 -29.98 19.71 2.42
N ARG A 109 -29.45 19.00 1.43
CA ARG A 109 -28.46 19.61 0.52
C ARG A 109 -28.98 19.98 -0.87
N CYS A 110 -29.86 19.15 -1.43
CA CYS A 110 -30.36 19.38 -2.78
C CYS A 110 -31.44 20.46 -2.92
N LYS A 111 -31.68 20.86 -4.17
CA LYS A 111 -32.67 21.89 -4.50
C LYS A 111 -33.36 21.48 -5.80
N ASP A 112 -34.55 22.00 -6.04
CA ASP A 112 -35.27 21.68 -7.27
C ASP A 112 -34.76 22.55 -8.43
N SER A 113 -35.40 22.44 -9.59
CA SER A 113 -35.00 23.19 -10.76
C SER A 113 -35.13 24.70 -10.59
N LYS A 114 -35.90 25.14 -9.60
CA LYS A 114 -36.08 26.56 -9.36
C LYS A 114 -35.15 27.03 -8.25
N GLU A 115 -34.21 26.18 -7.87
CA GLU A 115 -33.24 26.49 -6.83
C GLU A 115 -33.86 26.62 -5.44
N ARG A 116 -35.01 25.98 -5.23
CA ARG A 116 -35.66 26.03 -3.93
C ARG A 116 -35.18 24.84 -3.11
N PRO A 117 -34.93 25.05 -1.80
CA PRO A 117 -34.47 23.92 -0.97
C PRO A 117 -35.54 22.85 -0.88
N LEU A 118 -35.17 21.61 -1.22
CA LEU A 118 -36.11 20.49 -1.19
C LEU A 118 -36.73 20.28 0.18
N LEU A 119 -36.04 20.72 1.23
CA LEU A 119 -36.57 20.56 2.58
C LEU A 119 -37.85 21.37 2.78
N LYS A 120 -38.14 22.29 1.85
CA LYS A 120 -39.34 23.12 1.96
C LYS A 120 -40.39 22.79 0.90
N ARG A 121 -40.07 21.87 0.00
CA ARG A 121 -41.02 21.46 -1.04
C ARG A 121 -41.86 20.29 -0.49
N PRO A 122 -43.06 20.07 -1.06
CA PRO A 122 -43.87 18.96 -0.55
C PRO A 122 -43.09 17.67 -0.74
N LEU A 123 -43.16 16.76 0.24
CA LEU A 123 -42.45 15.49 0.20
C LEU A 123 -42.75 14.57 -0.99
N ASP A 124 -44.04 14.37 -1.27
CA ASP A 124 -44.46 13.48 -2.35
C ASP A 124 -44.00 13.95 -3.72
N GLU A 125 -43.66 15.23 -3.81
CA GLU A 125 -43.19 15.84 -5.04
C GLU A 125 -41.83 15.25 -5.48
N ILE A 126 -41.06 14.73 -4.53
CA ILE A 126 -39.72 14.20 -4.83
C ILE A 126 -39.29 12.88 -4.17
N LYS A 127 -40.13 12.29 -3.33
CA LYS A 127 -39.72 11.03 -2.68
C LYS A 127 -39.62 9.87 -3.65
N ASN A 128 -40.58 9.75 -4.55
CA ASN A 128 -40.59 8.66 -5.53
C ASN A 128 -39.43 8.78 -6.52
N LEU A 129 -39.14 10.01 -6.95
CA LEU A 129 -38.07 10.23 -7.90
C LEU A 129 -36.73 9.88 -7.25
N PHE A 130 -36.55 10.28 -6.00
CA PHE A 130 -35.32 9.97 -5.29
C PHE A 130 -35.16 8.46 -5.17
N GLU A 131 -36.23 7.78 -4.73
CA GLU A 131 -36.19 6.32 -4.59
C GLU A 131 -35.93 5.64 -5.94
N GLU A 132 -36.60 6.10 -6.99
CA GLU A 132 -36.44 5.46 -8.30
C GLU A 132 -35.09 5.74 -8.97
N ARG A 133 -34.62 6.98 -8.92
CA ARG A 133 -33.33 7.27 -9.52
C ARG A 133 -32.24 6.50 -8.77
N ARG A 134 -32.37 6.42 -7.44
CA ARG A 134 -31.37 5.72 -6.63
C ARG A 134 -31.24 4.23 -7.01
N LYS A 135 -32.34 3.65 -7.48
CA LYS A 135 -32.34 2.25 -7.89
C LYS A 135 -31.46 2.09 -9.13
N ILE A 136 -31.46 3.09 -9.99
CA ILE A 136 -30.65 3.06 -11.18
C ILE A 136 -29.18 3.33 -10.76
N TYR A 137 -28.96 4.36 -9.97
CA TYR A 137 -27.62 4.68 -9.51
C TYR A 137 -26.94 3.45 -8.94
N SER A 138 -27.69 2.68 -8.13
CA SER A 138 -27.17 1.48 -7.49
C SER A 138 -26.63 0.43 -8.45
N LYS A 139 -26.88 0.60 -9.75
CA LYS A 139 -26.41 -0.37 -10.73
C LYS A 139 -24.95 -0.09 -11.10
N ALA A 140 -24.36 0.90 -10.43
CA ALA A 140 -22.98 1.32 -10.68
C ALA A 140 -21.94 0.25 -10.32
N ASP A 141 -20.83 0.25 -11.04
CA ASP A 141 -19.75 -0.70 -10.77
C ASP A 141 -19.28 -0.54 -9.33
N ILE A 142 -19.09 0.71 -8.92
CA ILE A 142 -18.61 1.01 -7.57
C ILE A 142 -19.55 1.97 -6.85
N LYS A 143 -19.79 1.70 -5.58
CA LYS A 143 -20.67 2.53 -4.76
C LYS A 143 -19.92 2.96 -3.50
N VAL A 144 -19.85 4.26 -3.24
CA VAL A 144 -19.15 4.77 -2.06
C VAL A 144 -20.05 5.71 -1.27
N LYS A 145 -19.77 5.82 0.04
CA LYS A 145 -20.52 6.67 0.95
C LYS A 145 -20.18 8.13 0.68
N GLY A 146 -21.15 8.89 0.18
CA GLY A 146 -20.91 10.29 -0.13
C GLY A 146 -21.31 11.29 0.93
N GLU A 147 -21.63 10.78 2.11
CA GLU A 147 -22.02 11.63 3.22
C GLU A 147 -20.75 12.24 3.82
N LYS A 148 -19.63 11.54 3.62
CA LYS A 148 -18.34 11.98 4.12
C LYS A 148 -17.72 13.15 3.34
N PRO A 149 -16.71 13.81 3.93
CA PRO A 149 -16.07 14.94 3.25
C PRO A 149 -15.49 14.46 1.91
N PRO A 150 -15.45 15.35 0.92
CA PRO A 150 -14.94 15.01 -0.41
C PRO A 150 -13.61 14.23 -0.45
N GLU A 151 -12.64 14.65 0.36
CA GLU A 151 -11.34 13.98 0.38
C GLU A 151 -11.44 12.55 0.86
N GLU A 152 -12.38 12.28 1.76
CA GLU A 152 -12.56 10.92 2.26
C GLU A 152 -13.20 10.04 1.20
N VAL A 153 -14.09 10.62 0.41
CA VAL A 153 -14.75 9.87 -0.66
C VAL A 153 -13.72 9.52 -1.73
N VAL A 154 -12.78 10.43 -1.97
CA VAL A 154 -11.73 10.19 -2.96
C VAL A 154 -10.88 8.99 -2.55
N LYS A 155 -10.51 8.94 -1.27
CA LYS A 155 -9.72 7.81 -0.77
C LYS A 155 -10.49 6.52 -0.96
N GLU A 156 -11.80 6.60 -0.77
CA GLU A 156 -12.68 5.44 -0.93
C GLU A 156 -12.61 4.97 -2.38
N ILE A 157 -12.76 5.91 -3.31
CA ILE A 157 -12.73 5.56 -4.72
C ILE A 157 -11.37 5.02 -5.15
N LEU A 158 -10.30 5.70 -4.77
CA LEU A 158 -8.96 5.24 -5.12
C LEU A 158 -8.77 3.80 -4.64
N LEU A 159 -9.06 3.55 -3.36
CA LEU A 159 -8.90 2.20 -2.83
C LEU A 159 -9.72 1.18 -3.61
N SER A 160 -10.90 1.58 -4.07
CA SER A 160 -11.74 0.67 -4.84
C SER A 160 -11.13 0.47 -6.22
N LEU A 161 -10.65 1.56 -6.83
CA LEU A 161 -10.05 1.45 -8.16
C LEU A 161 -8.77 0.61 -8.13
N GLU A 162 -7.99 0.76 -7.07
CA GLU A 162 -6.74 0.02 -6.93
C GLU A 162 -6.96 -1.50 -6.97
N GLY A 163 -7.83 -2.01 -6.10
CA GLY A 163 -8.07 -3.44 -6.11
C GLY A 163 -8.80 -3.91 -7.37
N ASN A 164 -9.16 -2.97 -8.23
CA ASN A 164 -9.91 -3.25 -9.45
C ASN A 164 -9.21 -3.40 -10.80
N ALA A 165 -10.03 -3.78 -11.79
CA ALA A 165 -9.67 -3.97 -13.20
C ALA A 165 -8.40 -4.75 -13.54
N LEU A 166 -8.05 -5.74 -12.73
CA LEU A 166 -6.85 -6.53 -12.98
C LEU A 166 -7.14 -7.71 -13.91
N ARG B 2 3.14 14.89 37.14
CA ARG B 2 4.02 13.73 37.08
C ARG B 2 4.33 13.33 35.64
N ILE B 3 5.61 13.29 35.29
CA ILE B 3 6.04 12.93 33.94
C ILE B 3 7.03 11.76 33.91
N TYR B 4 6.68 10.71 33.18
CA TYR B 4 7.54 9.53 33.06
C TYR B 4 8.23 9.43 31.71
N LEU B 5 9.54 9.27 31.73
CA LEU B 5 10.32 9.14 30.50
C LEU B 5 10.71 7.66 30.33
N ILE B 6 10.29 7.08 29.23
CA ILE B 6 10.62 5.68 28.97
C ILE B 6 11.32 5.53 27.61
N GLY B 7 12.09 4.45 27.47
CA GLY B 7 12.82 4.17 26.26
C GLY B 7 14.07 3.38 26.58
N PHE B 8 14.85 3.01 25.56
CA PHE B 8 16.07 2.26 25.80
C PHE B 8 17.09 3.08 26.58
N CYS B 10 19.99 3.97 26.03
CA CYS B 10 20.96 4.78 25.29
C CYS B 10 20.30 5.89 24.49
N SER B 11 19.07 6.25 24.86
CA SER B 11 18.35 7.30 24.16
C SER B 11 18.41 8.63 24.92
N GLY B 12 19.42 8.75 25.78
CA GLY B 12 19.66 9.97 26.56
C GLY B 12 18.61 10.46 27.55
N LYS B 13 17.86 9.54 28.16
CA LYS B 13 16.82 9.92 29.10
C LYS B 13 17.24 10.80 30.30
N SER B 14 18.45 10.61 30.82
CA SER B 14 18.93 11.38 31.96
C SER B 14 19.22 12.84 31.68
N THR B 15 19.94 13.12 30.61
CA THR B 15 20.28 14.50 30.27
C THR B 15 19.01 15.23 29.84
N VAL B 16 18.08 14.50 29.25
CA VAL B 16 16.80 15.07 28.82
C VAL B 16 15.91 15.27 30.04
N GLY B 17 15.87 14.28 30.91
CA GLY B 17 15.03 14.37 32.11
C GLY B 17 15.43 15.56 32.96
N SER B 18 16.73 15.73 33.16
CA SER B 18 17.24 16.83 33.96
C SER B 18 16.89 18.22 33.41
N LEU B 19 17.08 18.43 32.11
CA LEU B 19 16.78 19.73 31.52
C LEU B 19 15.28 19.98 31.55
N LEU B 20 14.51 18.95 31.24
CA LEU B 20 13.07 19.06 31.22
C LEU B 20 12.58 19.41 32.63
N SER B 21 13.24 18.85 33.65
CA SER B 21 12.83 19.10 35.03
C SER B 21 13.17 20.52 35.47
N ARG B 22 14.33 21.02 35.04
CA ARG B 22 14.73 22.37 35.40
C ARG B 22 13.86 23.39 34.66
N SER B 23 13.39 22.99 33.48
CA SER B 23 12.54 23.86 32.68
C SER B 23 11.17 24.06 33.32
N LEU B 24 10.64 23.00 33.93
CA LEU B 24 9.32 23.05 34.56
C LEU B 24 9.43 23.31 36.07
N ASN B 25 10.67 23.30 36.57
CA ASN B 25 10.93 23.50 37.99
C ASN B 25 10.31 22.46 38.89
N ILE B 26 10.48 21.19 38.52
CA ILE B 26 9.99 20.07 39.32
C ILE B 26 11.14 19.09 39.49
N PRO B 27 11.23 18.42 40.64
CA PRO B 27 12.29 17.45 40.92
C PRO B 27 12.43 16.33 39.90
N PHE B 28 13.67 15.92 39.65
CA PHE B 28 13.96 14.85 38.72
C PHE B 28 14.51 13.63 39.48
N TYR B 29 14.08 12.45 39.07
CA TYR B 29 14.52 11.21 39.69
C TYR B 29 14.66 10.10 38.65
N ASP B 30 15.68 9.27 38.82
CA ASP B 30 15.90 8.13 37.93
C ASP B 30 15.75 6.90 38.81
N VAL B 31 14.87 5.98 38.40
CA VAL B 31 14.60 4.76 39.15
C VAL B 31 15.85 3.93 39.48
N ASP B 32 16.62 3.53 38.48
CA ASP B 32 17.83 2.74 38.71
C ASP B 32 18.80 3.41 39.68
N GLU B 33 18.93 4.73 39.59
CA GLU B 33 19.83 5.45 40.49
C GLU B 33 19.30 5.37 41.92
N GLU B 34 17.98 5.52 42.08
CA GLU B 34 17.37 5.47 43.40
C GLU B 34 17.49 4.11 44.06
N VAL B 35 17.04 3.06 43.38
CA VAL B 35 17.13 1.72 43.94
C VAL B 35 18.57 1.40 44.33
N GLN B 36 19.52 1.86 43.51
CA GLN B 36 20.92 1.62 43.82
C GLN B 36 21.33 2.30 45.13
N LYS B 37 20.71 3.43 45.44
CA LYS B 37 21.03 4.14 46.67
C LYS B 37 20.32 3.51 47.87
N ARG B 38 19.11 3.01 47.64
CA ARG B 38 18.32 2.38 48.69
C ARG B 38 18.85 0.99 49.00
N GLU B 39 19.55 0.40 48.04
CA GLU B 39 20.13 -0.92 48.20
C GLU B 39 21.57 -0.79 48.67
N GLY B 40 22.17 0.37 48.40
CA GLY B 40 23.55 0.62 48.79
C GLY B 40 24.51 -0.15 47.90
N LEU B 41 24.00 -0.65 46.77
CA LEU B 41 24.79 -1.42 45.83
C LEU B 41 24.72 -0.85 44.42
N SER B 42 25.24 -1.62 43.48
CA SER B 42 25.23 -1.26 42.06
C SER B 42 24.35 -2.32 41.40
N ILE B 43 23.91 -2.06 40.17
CA ILE B 43 23.04 -3.02 39.49
C ILE B 43 23.65 -4.42 39.32
N PRO B 44 24.95 -4.51 38.99
CA PRO B 44 25.59 -5.83 38.80
C PRO B 44 25.78 -6.58 40.12
N GLN B 45 25.85 -5.83 41.22
CA GLN B 45 26.01 -6.43 42.55
C GLN B 45 24.69 -7.03 42.98
N ILE B 46 23.61 -6.27 42.81
CA ILE B 46 22.27 -6.72 43.17
C ILE B 46 21.91 -7.93 42.32
N PHE B 47 22.41 -7.97 41.08
CA PHE B 47 22.16 -9.09 40.19
C PHE B 47 22.86 -10.31 40.77
N GLU B 48 24.09 -10.12 41.23
CA GLU B 48 24.92 -11.17 41.80
C GLU B 48 24.45 -11.61 43.18
N LYS B 49 24.31 -10.67 44.11
CA LYS B 49 23.90 -10.98 45.47
C LYS B 49 22.41 -11.26 45.67
N LYS B 50 21.56 -10.76 44.77
CA LYS B 50 20.12 -10.99 44.90
C LYS B 50 19.39 -11.49 43.67
N GLY B 51 19.96 -11.30 42.49
CA GLY B 51 19.32 -11.79 41.27
C GLY B 51 18.48 -10.77 40.51
N GLU B 52 18.36 -10.99 39.20
CA GLU B 52 17.61 -10.12 38.31
C GLU B 52 16.13 -9.97 38.69
N ALA B 53 15.50 -11.06 39.10
CA ALA B 53 14.09 -11.04 39.49
C ALA B 53 13.87 -10.09 40.67
N TYR B 54 14.86 -10.02 41.55
CA TYR B 54 14.81 -9.14 42.72
C TYR B 54 14.87 -7.70 42.24
N PHE B 55 15.85 -7.42 41.37
CA PHE B 55 16.04 -6.10 40.81
C PHE B 55 14.77 -5.60 40.15
N ARG B 56 14.15 -6.44 39.30
CA ARG B 56 12.93 -6.04 38.62
C ARG B 56 11.79 -5.69 39.56
N LYS B 57 11.78 -6.29 40.75
CA LYS B 57 10.73 -5.99 41.71
C LYS B 57 11.02 -4.69 42.45
N LEU B 58 12.28 -4.50 42.84
CA LEU B 58 12.68 -3.29 43.56
C LEU B 58 12.40 -2.09 42.66
N GLU B 59 12.74 -2.26 41.38
CA GLU B 59 12.54 -1.22 40.36
C GLU B 59 11.11 -0.71 40.40
N PHE B 60 10.16 -1.63 40.29
CA PHE B 60 8.75 -1.27 40.29
C PHE B 60 8.27 -0.72 41.62
N GLU B 61 8.93 -1.10 42.70
CA GLU B 61 8.54 -0.59 44.02
C GLU B 61 8.98 0.87 44.12
N VAL B 62 10.22 1.14 43.70
CA VAL B 62 10.74 2.50 43.76
C VAL B 62 9.90 3.43 42.88
N LEU B 63 9.60 2.98 41.67
CA LEU B 63 8.80 3.76 40.73
C LEU B 63 7.51 4.19 41.43
N LYS B 64 6.84 3.24 42.07
CA LYS B 64 5.60 3.52 42.76
C LYS B 64 5.78 4.45 43.96
N ASP B 65 6.87 4.30 44.70
CA ASP B 65 7.12 5.18 45.84
C ASP B 65 7.35 6.62 45.37
N LEU B 66 8.13 6.77 44.30
CA LEU B 66 8.41 8.09 43.75
C LEU B 66 7.14 8.73 43.22
N SER B 67 6.24 7.89 42.74
CA SER B 67 4.98 8.35 42.18
C SER B 67 4.04 8.94 43.22
N GLU B 68 4.45 8.88 44.49
CA GLU B 68 3.67 9.46 45.57
C GLU B 68 3.80 10.97 45.44
N LYS B 69 4.93 11.41 44.89
CA LYS B 69 5.19 12.82 44.68
C LYS B 69 4.19 13.36 43.67
N GLU B 70 3.68 14.57 43.93
CA GLU B 70 2.70 15.19 43.06
C GLU B 70 3.35 15.88 41.86
N ASN B 71 4.60 16.31 42.03
CA ASN B 71 5.32 16.98 40.97
C ASN B 71 6.68 16.35 40.78
N VAL B 72 6.88 15.68 39.65
CA VAL B 72 8.16 15.04 39.41
C VAL B 72 8.33 14.50 38.00
N VAL B 73 9.58 14.40 37.58
CA VAL B 73 9.96 13.85 36.29
C VAL B 73 10.73 12.59 36.69
N ILE B 74 10.25 11.43 36.28
CA ILE B 74 10.93 10.18 36.62
C ILE B 74 11.40 9.47 35.36
N SER B 75 12.70 9.22 35.27
CA SER B 75 13.28 8.52 34.14
C SER B 75 13.34 7.03 34.54
N THR B 76 12.90 6.15 33.64
CA THR B 76 12.88 4.71 33.92
C THR B 76 13.92 3.92 33.14
N GLY B 77 14.18 2.70 33.59
CA GLY B 77 15.15 1.85 32.92
C GLY B 77 14.55 1.19 31.70
N GLY B 78 15.41 0.68 30.81
CA GLY B 78 14.92 0.04 29.60
C GLY B 78 13.85 -1.01 29.87
N GLY B 79 14.09 -1.89 30.84
CA GLY B 79 13.13 -2.93 31.16
C GLY B 79 11.84 -2.41 31.76
N LEU B 80 11.96 -1.55 32.77
CA LEU B 80 10.80 -1.01 33.46
C LEU B 80 9.82 -0.33 32.49
N GLY B 81 10.34 0.55 31.65
CA GLY B 81 9.50 1.25 30.70
C GLY B 81 8.75 0.34 29.74
N ALA B 82 9.27 -0.86 29.53
CA ALA B 82 8.65 -1.81 28.63
C ALA B 82 7.75 -2.81 29.36
N ASN B 83 7.54 -2.59 30.65
CA ASN B 83 6.69 -3.46 31.46
C ASN B 83 5.26 -2.93 31.44
N GLU B 84 4.39 -3.58 30.67
CA GLU B 84 3.02 -3.14 30.54
C GLU B 84 2.33 -2.84 31.86
N GLU B 85 2.63 -3.63 32.89
CA GLU B 85 2.02 -3.38 34.20
C GLU B 85 2.49 -2.03 34.69
N ALA B 86 3.81 -1.86 34.76
CA ALA B 86 4.41 -0.61 35.19
C ALA B 86 3.93 0.58 34.36
N LEU B 87 3.82 0.38 33.05
CA LEU B 87 3.36 1.43 32.15
C LEU B 87 1.91 1.83 32.45
N ASN B 88 1.03 0.85 32.63
CA ASN B 88 -0.35 1.18 32.95
C ASN B 88 -0.40 1.93 34.26
N PHE B 89 0.45 1.55 35.21
CA PHE B 89 0.48 2.27 36.48
C PHE B 89 0.86 3.73 36.20
N LYS B 91 0.67 5.62 33.43
CA LYS B 91 -0.34 6.40 32.74
C LYS B 91 -1.46 6.91 33.65
N SER B 92 -1.87 6.09 34.61
CA SER B 92 -2.92 6.50 35.53
C SER B 92 -2.42 7.59 36.47
N ARG B 93 -1.10 7.63 36.65
CA ARG B 93 -0.47 8.60 37.55
C ARG B 93 0.02 9.89 36.89
N GLY B 94 0.23 9.85 35.58
CA GLY B 94 0.70 11.04 34.90
C GLY B 94 0.89 10.77 33.42
N THR B 95 1.64 11.64 32.74
CA THR B 95 1.85 11.44 31.32
C THR B 95 3.20 10.80 31.03
N THR B 96 3.15 9.78 30.18
CA THR B 96 4.33 9.02 29.79
C THR B 96 4.90 9.55 28.49
N VAL B 97 6.22 9.64 28.43
CA VAL B 97 6.93 10.16 27.27
C VAL B 97 7.96 9.16 26.75
N PHE B 98 7.74 8.70 25.53
CA PHE B 98 8.63 7.74 24.89
C PHE B 98 9.69 8.49 24.06
N ILE B 99 10.95 8.37 24.46
CA ILE B 99 12.06 8.99 23.74
C ILE B 99 12.52 7.91 22.77
N ASP B 100 12.04 8.04 21.54
CA ASP B 100 12.22 7.11 20.44
C ASP B 100 13.50 7.23 19.59
N ILE B 101 14.30 6.17 19.56
CA ILE B 101 15.50 6.15 18.72
C ILE B 101 15.37 4.93 17.82
N PRO B 102 15.83 5.03 16.56
CA PRO B 102 15.75 3.90 15.62
C PRO B 102 16.69 2.76 15.98
N PHE B 103 16.42 1.58 15.43
CA PHE B 103 17.22 0.40 15.72
C PHE B 103 18.72 0.55 15.49
N GLU B 104 19.12 1.21 14.39
CA GLU B 104 20.55 1.36 14.10
C GLU B 104 21.28 2.20 15.16
N VAL B 105 20.60 3.21 15.70
CA VAL B 105 21.20 4.07 16.72
C VAL B 105 21.34 3.22 17.99
N PHE B 106 20.30 2.46 18.29
CA PHE B 106 20.25 1.58 19.45
C PHE B 106 21.47 0.66 19.35
N LEU B 107 21.55 -0.02 18.22
CA LEU B 107 22.63 -0.95 17.93
C LEU B 107 24.01 -0.32 18.18
N GLU B 108 24.14 0.98 17.92
CA GLU B 108 25.41 1.65 18.08
C GLU B 108 25.67 2.36 19.41
N ARG B 109 24.64 2.58 20.23
CA ARG B 109 24.84 3.27 21.50
C ARG B 109 24.60 2.43 22.76
N CYS B 110 23.55 1.61 22.75
CA CYS B 110 23.21 0.78 23.90
C CYS B 110 24.23 -0.30 24.26
N LYS B 111 24.08 -0.83 25.47
CA LYS B 111 24.96 -1.88 25.99
C LYS B 111 24.14 -2.96 26.71
N ASP B 112 24.74 -4.12 26.93
CA ASP B 112 24.04 -5.23 27.58
C ASP B 112 24.00 -5.20 29.11
N SER B 113 23.62 -6.33 29.70
CA SER B 113 23.54 -6.44 31.15
C SER B 113 24.83 -6.11 31.88
N LYS B 114 25.98 -6.33 31.24
CA LYS B 114 27.26 -6.06 31.87
C LYS B 114 28.14 -5.07 31.10
N GLU B 115 27.61 -3.85 30.91
CA GLU B 115 28.30 -2.76 30.25
C GLU B 115 29.05 -3.12 28.96
N ARG B 116 28.53 -4.08 28.20
CA ARG B 116 29.18 -4.49 26.96
C ARG B 116 28.50 -3.91 25.74
N PRO B 117 29.29 -3.35 24.80
CA PRO B 117 28.73 -2.77 23.57
C PRO B 117 27.94 -3.83 22.80
N LEU B 118 26.73 -3.45 22.36
CA LEU B 118 25.84 -4.38 21.65
C LEU B 118 26.32 -4.84 20.26
N LEU B 119 27.12 -4.01 19.59
CA LEU B 119 27.65 -4.32 18.26
C LEU B 119 28.26 -5.71 18.09
N LYS B 120 27.86 -6.38 17.02
CA LYS B 120 28.31 -7.75 16.67
C LYS B 120 28.07 -8.75 17.80
N ARG B 121 26.91 -8.71 18.42
CA ARG B 121 26.66 -9.58 19.57
C ARG B 121 25.41 -10.44 19.57
N PRO B 122 24.44 -10.16 18.69
CA PRO B 122 23.18 -10.91 18.59
C PRO B 122 23.13 -12.42 18.37
N LEU B 123 22.05 -12.97 18.92
CA LEU B 123 21.59 -14.36 18.88
C LEU B 123 20.24 -13.96 18.35
N ASP B 124 20.27 -12.81 17.66
CA ASP B 124 19.09 -12.13 17.13
C ASP B 124 18.63 -11.48 18.40
N GLU B 125 19.43 -11.72 19.44
CA GLU B 125 19.24 -11.23 20.80
C GLU B 125 19.01 -9.72 20.94
N ILE B 126 19.99 -8.92 20.54
CA ILE B 126 19.86 -7.48 20.66
C ILE B 126 18.73 -6.95 19.80
N LYS B 127 18.40 -7.65 18.71
CA LYS B 127 17.30 -7.21 17.86
C LYS B 127 16.00 -7.52 18.58
N ASN B 128 15.85 -8.77 18.98
CA ASN B 128 14.68 -9.25 19.71
C ASN B 128 14.36 -8.28 20.86
N LEU B 129 15.39 -7.90 21.60
CA LEU B 129 15.26 -7.01 22.73
C LEU B 129 14.72 -5.63 22.32
N PHE B 130 15.11 -5.16 21.13
CA PHE B 130 14.67 -3.85 20.65
C PHE B 130 13.22 -3.85 20.17
N GLU B 131 12.92 -4.76 19.26
CA GLU B 131 11.58 -4.87 18.69
C GLU B 131 10.50 -5.14 19.72
N GLU B 132 10.85 -5.94 20.72
CA GLU B 132 9.91 -6.29 21.76
C GLU B 132 9.59 -5.07 22.62
N ARG B 133 10.62 -4.47 23.20
CA ARG B 133 10.44 -3.31 24.03
C ARG B 133 9.78 -2.11 23.35
N ARG B 134 10.13 -1.85 22.09
CA ARG B 134 9.55 -0.72 21.38
C ARG B 134 8.04 -0.89 21.24
N LYS B 135 7.59 -2.13 21.16
CA LYS B 135 6.16 -2.41 21.04
C LYS B 135 5.43 -1.73 22.19
N ILE B 136 5.97 -1.87 23.38
CA ILE B 136 5.38 -1.29 24.57
C ILE B 136 5.59 0.22 24.65
N TYR B 137 6.84 0.64 24.52
CA TYR B 137 7.17 2.06 24.59
C TYR B 137 6.17 2.89 23.79
N SER B 138 5.76 2.35 22.65
CA SER B 138 4.83 3.03 21.76
C SER B 138 3.45 3.33 22.35
N LYS B 139 3.12 2.71 23.48
CA LYS B 139 1.82 2.96 24.12
C LYS B 139 1.84 4.21 24.98
N ALA B 140 2.90 5.00 24.88
CA ALA B 140 3.02 6.21 25.70
C ALA B 140 2.08 7.31 25.21
N ASP B 141 1.85 8.31 26.06
CA ASP B 141 0.98 9.44 25.69
C ASP B 141 1.70 10.34 24.71
N ILE B 142 3.02 10.44 24.87
CA ILE B 142 3.83 11.28 24.01
C ILE B 142 5.04 10.53 23.44
N LYS B 143 5.33 10.78 22.17
CA LYS B 143 6.47 10.17 21.50
C LYS B 143 7.27 11.28 20.85
N VAL B 144 8.60 11.26 21.05
CA VAL B 144 9.47 12.26 20.50
C VAL B 144 10.74 11.62 19.95
N LYS B 145 11.34 12.25 18.94
CA LYS B 145 12.57 11.73 18.35
C LYS B 145 13.71 11.98 19.32
N GLY B 146 14.33 10.90 19.78
CA GLY B 146 15.41 11.01 20.73
C GLY B 146 16.78 11.12 20.10
N GLU B 147 16.82 11.04 18.77
CA GLU B 147 18.06 11.11 18.02
C GLU B 147 18.39 12.58 17.73
N LYS B 148 18.15 13.42 18.73
CA LYS B 148 18.39 14.84 18.60
C LYS B 148 19.05 15.37 19.86
N PRO B 149 19.65 16.56 19.77
CA PRO B 149 20.32 17.16 20.94
C PRO B 149 19.27 17.28 22.06
N PRO B 150 19.66 17.10 23.32
CA PRO B 150 18.76 17.19 24.47
C PRO B 150 17.87 18.43 24.51
N GLU B 151 18.43 19.59 24.22
CA GLU B 151 17.64 20.82 24.24
C GLU B 151 16.50 20.70 23.25
N GLU B 152 16.76 20.03 22.12
CA GLU B 152 15.75 19.84 21.10
C GLU B 152 14.69 18.84 21.55
N VAL B 153 15.12 17.74 22.18
CA VAL B 153 14.15 16.76 22.64
C VAL B 153 13.26 17.37 23.71
N VAL B 154 13.84 18.14 24.63
CA VAL B 154 13.04 18.78 25.67
C VAL B 154 12.03 19.72 25.02
N LYS B 155 12.49 20.45 24.00
CA LYS B 155 11.62 21.38 23.28
C LYS B 155 10.41 20.64 22.72
N GLU B 156 10.64 19.46 22.15
CA GLU B 156 9.53 18.71 21.58
C GLU B 156 8.61 18.20 22.67
N ILE B 157 9.18 17.77 23.79
CA ILE B 157 8.37 17.27 24.91
C ILE B 157 7.48 18.38 25.46
N LEU B 158 8.00 19.60 25.50
CA LEU B 158 7.24 20.75 26.02
C LEU B 158 6.10 21.12 25.08
N LEU B 159 6.40 21.22 23.79
CA LEU B 159 5.39 21.54 22.80
C LEU B 159 4.33 20.44 22.83
N SER B 160 4.78 19.20 23.04
CA SER B 160 3.87 18.04 23.09
C SER B 160 2.96 18.08 24.32
N LEU B 161 3.49 18.54 25.44
CA LEU B 161 2.67 18.66 26.64
C LEU B 161 1.58 19.69 26.35
N GLU B 162 1.92 20.73 25.59
CA GLU B 162 0.93 21.75 25.24
C GLU B 162 -0.11 21.17 24.28
N GLY B 163 0.36 20.40 23.29
CA GLY B 163 -0.54 19.81 22.31
C GLY B 163 -1.55 18.85 22.92
N ASN B 164 -1.09 17.99 23.82
CA ASN B 164 -1.97 17.02 24.46
C ASN B 164 -3.01 17.71 25.33
N ALA B 165 -2.70 18.92 25.78
CA ALA B 165 -3.62 19.66 26.63
C ALA B 165 -4.57 20.60 25.88
N LEU B 166 -4.12 21.14 24.76
CA LEU B 166 -4.91 22.09 24.00
C LEU B 166 -5.22 21.63 22.57
N GLY B 167 -4.36 20.78 22.02
CA GLY B 167 -4.57 20.30 20.67
C GLY B 167 -3.37 20.61 19.80
N GLY B 168 -2.83 19.59 19.14
CA GLY B 168 -1.67 19.80 18.29
C GLY B 168 -1.74 19.08 16.96
N ARG C 2 6.38 10.78 -15.25
CA ARG C 2 7.47 9.86 -14.82
C ARG C 2 7.72 9.79 -13.30
N ILE C 3 7.47 8.62 -12.72
CA ILE C 3 7.61 8.39 -11.29
C ILE C 3 8.64 7.32 -10.96
N TYR C 4 9.60 7.65 -10.11
CA TYR C 4 10.65 6.70 -9.75
C TYR C 4 10.53 6.19 -8.33
N LEU C 5 10.61 4.87 -8.16
CA LEU C 5 10.53 4.30 -6.82
C LEU C 5 11.91 3.84 -6.41
N ILE C 6 12.36 4.31 -5.24
CA ILE C 6 13.68 3.94 -4.75
C ILE C 6 13.61 3.47 -3.30
N GLY C 7 14.67 2.83 -2.84
CA GLY C 7 14.71 2.32 -1.49
C GLY C 7 15.35 0.94 -1.54
N PHE C 8 15.47 0.27 -0.40
CA PHE C 8 16.11 -1.05 -0.36
C PHE C 8 15.33 -2.13 -1.06
N CYS C 10 13.57 -5.79 -0.96
CA CYS C 10 12.69 -6.20 0.13
C CYS C 10 11.86 -5.03 0.66
N SER C 11 11.63 -4.04 -0.20
CA SER C 11 10.85 -2.84 0.16
C SER C 11 9.44 -2.88 -0.43
N GLY C 12 9.22 -3.78 -1.39
CA GLY C 12 7.92 -3.90 -2.02
C GLY C 12 7.77 -2.98 -3.21
N LYS C 13 8.85 -2.29 -3.58
CA LYS C 13 8.82 -1.36 -4.71
C LYS C 13 8.18 -1.93 -5.96
N SER C 14 8.54 -3.16 -6.32
CA SER C 14 7.98 -3.79 -7.52
C SER C 14 6.47 -4.03 -7.37
N THR C 15 6.04 -4.39 -6.17
CA THR C 15 4.63 -4.64 -5.91
C THR C 15 3.87 -3.32 -5.91
N VAL C 16 4.46 -2.33 -5.24
CA VAL C 16 3.86 -1.00 -5.14
C VAL C 16 3.85 -0.30 -6.50
N GLY C 17 4.95 -0.43 -7.24
CA GLY C 17 5.04 0.22 -8.54
C GLY C 17 4.03 -0.36 -9.53
N SER C 18 3.85 -1.67 -9.46
CA SER C 18 2.91 -2.34 -10.35
C SER C 18 1.50 -1.82 -10.13
N LEU C 19 1.10 -1.76 -8.86
CA LEU C 19 -0.23 -1.29 -8.51
C LEU C 19 -0.40 0.21 -8.81
N LEU C 20 0.70 0.96 -8.69
CA LEU C 20 0.65 2.40 -8.97
C LEU C 20 0.46 2.64 -10.46
N SER C 21 1.16 1.86 -11.29
CA SER C 21 1.07 2.02 -12.74
C SER C 21 -0.32 1.68 -13.29
N ARG C 22 -0.92 0.61 -12.77
CA ARG C 22 -2.24 0.18 -13.21
C ARG C 22 -3.31 1.20 -12.84
N SER C 23 -3.21 1.78 -11.64
CA SER C 23 -4.17 2.76 -11.18
C SER C 23 -4.02 4.04 -11.98
N LEU C 24 -2.83 4.27 -12.51
CA LEU C 24 -2.56 5.47 -13.29
C LEU C 24 -2.66 5.16 -14.78
N ASN C 25 -2.71 3.87 -15.11
CA ASN C 25 -2.79 3.43 -16.49
C ASN C 25 -1.58 3.82 -17.34
N ILE C 26 -0.40 3.75 -16.74
CA ILE C 26 0.83 4.05 -17.46
C ILE C 26 1.75 2.82 -17.31
N PRO C 27 2.72 2.67 -18.21
CA PRO C 27 3.65 1.53 -18.18
C PRO C 27 4.47 1.39 -16.89
N PHE C 28 4.70 0.17 -16.45
CA PHE C 28 5.51 -0.08 -15.27
C PHE C 28 6.77 -0.86 -15.65
N TYR C 29 7.91 -0.45 -15.11
CA TYR C 29 9.15 -1.13 -15.41
C TYR C 29 10.03 -1.22 -14.18
N ASP C 30 10.77 -2.33 -14.09
CA ASP C 30 11.72 -2.50 -13.02
C ASP C 30 13.07 -2.56 -13.69
N VAL C 31 14.00 -1.70 -13.27
CA VAL C 31 15.32 -1.66 -13.87
C VAL C 31 16.05 -3.01 -13.86
N ASP C 32 16.18 -3.63 -12.70
CA ASP C 32 16.87 -4.91 -12.64
C ASP C 32 16.24 -5.99 -13.52
N GLU C 33 14.91 -6.05 -13.55
CA GLU C 33 14.24 -7.04 -14.39
C GLU C 33 14.55 -6.78 -15.86
N GLU C 34 14.47 -5.50 -16.26
CA GLU C 34 14.74 -5.09 -17.64
C GLU C 34 16.20 -5.42 -18.00
N VAL C 35 17.10 -5.28 -17.02
CA VAL C 35 18.50 -5.58 -17.24
C VAL C 35 18.64 -7.08 -17.53
N GLN C 36 18.15 -7.91 -16.61
CA GLN C 36 18.22 -9.35 -16.77
C GLN C 36 17.61 -9.77 -18.10
N LYS C 37 16.45 -9.18 -18.42
CA LYS C 37 15.75 -9.45 -19.66
C LYS C 37 16.67 -9.22 -20.87
N ARG C 38 17.31 -8.05 -20.91
CA ARG C 38 18.19 -7.71 -22.03
C ARG C 38 19.49 -8.53 -22.06
N GLU C 39 19.88 -9.08 -20.91
CA GLU C 39 21.10 -9.88 -20.84
C GLU C 39 20.86 -11.38 -20.96
N GLY C 40 19.63 -11.81 -20.70
CA GLY C 40 19.36 -13.24 -20.78
C GLY C 40 20.01 -13.94 -19.61
N LEU C 41 20.46 -13.15 -18.63
CA LEU C 41 21.12 -13.67 -17.44
C LEU C 41 20.51 -13.10 -16.17
N SER C 42 20.62 -13.85 -15.07
CA SER C 42 20.11 -13.38 -13.79
C SER C 42 21.23 -12.52 -13.21
N ILE C 43 20.88 -11.54 -12.38
CA ILE C 43 21.87 -10.64 -11.79
C ILE C 43 23.12 -11.39 -11.30
N PRO C 44 22.95 -12.51 -10.59
CA PRO C 44 24.12 -13.25 -10.11
C PRO C 44 24.98 -13.71 -11.29
N GLN C 45 24.32 -14.18 -12.33
CA GLN C 45 24.98 -14.66 -13.53
C GLN C 45 25.70 -13.54 -14.27
N ILE C 46 25.14 -12.34 -14.23
CA ILE C 46 25.77 -11.19 -14.90
C ILE C 46 26.99 -10.82 -14.08
N PHE C 47 26.86 -10.93 -12.76
CA PHE C 47 27.96 -10.62 -11.85
C PHE C 47 29.11 -11.59 -12.13
N GLU C 48 28.79 -12.88 -12.14
CA GLU C 48 29.81 -13.91 -12.37
C GLU C 48 30.38 -13.94 -13.79
N LYS C 49 29.66 -13.41 -14.77
CA LYS C 49 30.18 -13.44 -16.14
C LYS C 49 30.88 -12.18 -16.64
N LYS C 50 30.37 -11.00 -16.29
CA LYS C 50 31.00 -9.76 -16.72
C LYS C 50 31.39 -8.86 -15.56
N GLY C 51 30.96 -9.22 -14.35
CA GLY C 51 31.32 -8.44 -13.19
C GLY C 51 30.39 -7.30 -12.80
N GLU C 52 30.46 -6.93 -11.53
CA GLU C 52 29.64 -5.87 -10.96
C GLU C 52 29.72 -4.53 -11.70
N ALA C 53 30.93 -4.11 -12.06
CA ALA C 53 31.09 -2.83 -12.77
C ALA C 53 30.20 -2.78 -13.99
N TYR C 54 30.22 -3.86 -14.76
CA TYR C 54 29.42 -3.95 -15.98
C TYR C 54 27.93 -3.85 -15.63
N PHE C 55 27.53 -4.56 -14.59
CA PHE C 55 26.14 -4.57 -14.15
C PHE C 55 25.68 -3.19 -13.71
N ARG C 56 26.49 -2.54 -12.88
CA ARG C 56 26.20 -1.20 -12.37
C ARG C 56 26.03 -0.22 -13.52
N LYS C 57 26.93 -0.28 -14.48
CA LYS C 57 26.87 0.60 -15.64
C LYS C 57 25.60 0.32 -16.45
N LEU C 58 25.26 -0.95 -16.61
CA LEU C 58 24.08 -1.32 -17.37
C LEU C 58 22.78 -0.84 -16.72
N GLU C 59 22.73 -0.86 -15.39
CA GLU C 59 21.55 -0.40 -14.65
C GLU C 59 21.28 1.06 -14.98
N PHE C 60 22.32 1.88 -14.88
CA PHE C 60 22.14 3.29 -15.15
C PHE C 60 21.75 3.53 -16.60
N GLU C 61 22.35 2.78 -17.53
CA GLU C 61 22.00 2.95 -18.95
C GLU C 61 20.53 2.60 -19.20
N VAL C 62 20.07 1.51 -18.59
CA VAL C 62 18.68 1.08 -18.72
C VAL C 62 17.77 2.12 -18.06
N LEU C 63 18.20 2.62 -16.92
CA LEU C 63 17.45 3.65 -16.19
C LEU C 63 17.20 4.79 -17.18
N LYS C 64 18.26 5.25 -17.81
CA LYS C 64 18.16 6.34 -18.80
C LYS C 64 17.30 5.98 -20.00
N ASP C 65 17.46 4.75 -20.50
CA ASP C 65 16.68 4.30 -21.66
C ASP C 65 15.19 4.36 -21.38
N LEU C 66 14.79 3.81 -20.23
CA LEU C 66 13.39 3.77 -19.84
C LEU C 66 12.81 5.16 -19.57
N SER C 67 13.69 6.11 -19.31
CA SER C 67 13.26 7.48 -19.01
C SER C 67 12.92 8.33 -20.21
N GLU C 68 13.06 7.79 -21.42
CA GLU C 68 12.70 8.54 -22.61
C GLU C 68 11.17 8.60 -22.64
N LYS C 69 10.52 7.56 -22.12
CA LYS C 69 9.06 7.50 -22.07
C LYS C 69 8.59 8.66 -21.19
N GLU C 70 7.57 9.40 -21.64
CA GLU C 70 7.09 10.53 -20.85
C GLU C 70 6.18 10.16 -19.69
N ASN C 71 5.48 9.04 -19.82
CA ASN C 71 4.56 8.58 -18.79
C ASN C 71 4.97 7.18 -18.38
N VAL C 72 5.45 7.02 -17.15
CA VAL C 72 5.91 5.70 -16.71
C VAL C 72 6.29 5.63 -15.24
N VAL C 73 6.22 4.43 -14.69
CA VAL C 73 6.59 4.14 -13.31
C VAL C 73 7.82 3.24 -13.41
N ILE C 74 8.93 3.68 -12.82
CA ILE C 74 10.18 2.93 -12.84
C ILE C 74 10.73 2.63 -11.45
N SER C 75 10.76 1.35 -11.08
CA SER C 75 11.30 0.97 -9.79
C SER C 75 12.78 0.70 -10.05
N THR C 76 13.61 1.02 -9.07
CA THR C 76 15.05 0.85 -9.22
C THR C 76 15.58 -0.16 -8.22
N GLY C 77 16.83 -0.52 -8.37
CA GLY C 77 17.40 -1.46 -7.43
C GLY C 77 18.14 -0.69 -6.35
N GLY C 78 18.38 -1.32 -5.22
CA GLY C 78 19.12 -0.65 -4.17
C GLY C 78 20.48 -0.42 -4.79
N GLY C 79 21.16 0.65 -4.39
CA GLY C 79 22.44 0.92 -5.00
C GLY C 79 22.19 1.98 -6.05
N LEU C 80 21.34 1.66 -7.02
CA LEU C 80 21.03 2.62 -8.06
C LEU C 80 20.29 3.80 -7.42
N GLY C 81 19.31 3.50 -6.58
CA GLY C 81 18.57 4.55 -5.91
C GLY C 81 19.44 5.30 -4.92
N ALA C 82 20.55 4.66 -4.51
CA ALA C 82 21.49 5.25 -3.56
C ALA C 82 22.67 5.91 -4.24
N ASN C 83 22.64 5.90 -5.57
CA ASN C 83 23.68 6.53 -6.37
C ASN C 83 23.17 7.96 -6.62
N GLU C 84 23.74 8.92 -5.92
CA GLU C 84 23.30 10.31 -6.02
C GLU C 84 23.31 10.89 -7.43
N GLU C 85 24.20 10.39 -8.27
CA GLU C 85 24.25 10.86 -9.66
C GLU C 85 22.96 10.43 -10.37
N ALA C 86 22.60 9.16 -10.22
CA ALA C 86 21.39 8.62 -10.84
C ALA C 86 20.11 9.24 -10.25
N LEU C 87 20.13 9.52 -8.94
CA LEU C 87 18.97 10.13 -8.30
C LEU C 87 18.78 11.52 -8.93
N ASN C 88 19.89 12.24 -9.14
CA ASN C 88 19.80 13.56 -9.76
C ASN C 88 19.25 13.41 -11.18
N PHE C 89 19.65 12.35 -11.87
CA PHE C 89 19.12 12.14 -13.23
C PHE C 89 17.61 11.95 -13.11
N LYS C 91 15.53 12.95 -10.78
CA LYS C 91 14.91 14.20 -10.39
C LYS C 91 14.75 15.14 -11.58
N SER C 92 15.69 15.10 -12.52
CA SER C 92 15.61 15.96 -13.68
C SER C 92 14.55 15.47 -14.67
N ARG C 93 14.21 14.19 -14.59
CA ARG C 93 13.22 13.61 -15.49
C ARG C 93 11.81 13.50 -14.91
N GLY C 94 11.71 13.51 -13.58
CA GLY C 94 10.41 13.37 -12.95
C GLY C 94 10.42 13.44 -11.43
N THR C 95 9.57 12.63 -10.81
CA THR C 95 9.43 12.61 -9.36
C THR C 95 9.95 11.32 -8.75
N THR C 96 10.72 11.47 -7.68
CA THR C 96 11.31 10.35 -6.98
C THR C 96 10.58 10.09 -5.67
N VAL C 97 10.34 8.82 -5.39
CA VAL C 97 9.62 8.41 -4.20
C VAL C 97 10.39 7.35 -3.43
N PHE C 98 10.65 7.65 -2.16
CA PHE C 98 11.37 6.73 -1.31
C PHE C 98 10.42 5.88 -0.47
N ILE C 99 10.45 4.57 -0.71
CA ILE C 99 9.62 3.64 0.03
C ILE C 99 10.53 3.23 1.17
N ASP C 100 10.29 3.88 2.30
CA ASP C 100 11.06 3.74 3.52
C ASP C 100 10.64 2.61 4.45
N ILE C 101 11.62 1.84 4.91
CA ILE C 101 11.38 0.73 5.84
C ILE C 101 12.47 0.83 6.90
N PRO C 102 12.13 0.59 8.16
CA PRO C 102 13.17 0.68 9.19
C PRO C 102 14.20 -0.44 9.12
N PHE C 103 15.37 -0.20 9.68
CA PHE C 103 16.46 -1.17 9.67
C PHE C 103 16.08 -2.57 10.13
N GLU C 104 15.30 -2.68 11.21
CA GLU C 104 14.91 -4.01 11.70
C GLU C 104 14.03 -4.75 10.71
N VAL C 105 13.21 -4.01 9.96
CA VAL C 105 12.33 -4.62 8.96
C VAL C 105 13.18 -5.00 7.76
N PHE C 106 14.26 -4.26 7.56
CA PHE C 106 15.19 -4.49 6.46
C PHE C 106 15.94 -5.77 6.77
N LEU C 107 16.63 -5.77 7.91
CA LEU C 107 17.42 -6.89 8.37
C LEU C 107 16.66 -8.21 8.27
N GLU C 108 15.34 -8.14 8.21
CA GLU C 108 14.52 -9.33 8.12
C GLU C 108 14.28 -9.74 6.67
N ARG C 109 13.44 -8.99 5.97
CA ARG C 109 13.10 -9.28 4.58
C ARG C 109 14.31 -9.36 3.66
N CYS C 110 15.25 -8.42 3.83
CA CYS C 110 16.45 -8.39 2.99
C CYS C 110 17.49 -9.44 3.40
N ARG C 121 25.43 -12.08 5.50
CA ARG C 121 25.72 -11.35 6.77
C ARG C 121 27.21 -11.09 6.97
N PRO C 122 27.68 -9.90 6.55
CA PRO C 122 29.08 -9.50 6.69
C PRO C 122 29.40 -8.74 7.98
N LEU C 123 29.18 -9.39 9.11
CA LEU C 123 29.46 -8.81 10.43
C LEU C 123 28.59 -7.67 10.94
N ASP C 124 27.38 -7.53 10.41
CA ASP C 124 26.49 -6.47 10.89
C ASP C 124 27.03 -5.07 10.61
N GLU C 125 27.99 -4.98 9.68
CA GLU C 125 28.55 -3.69 9.28
C GLU C 125 27.51 -3.20 8.29
N ILE C 126 26.61 -4.13 7.95
CA ILE C 126 25.51 -3.90 7.04
C ILE C 126 24.67 -2.75 7.58
N LYS C 127 24.94 -2.39 8.84
CA LYS C 127 24.25 -1.28 9.48
C LYS C 127 24.72 -0.03 8.75
N ASN C 128 26.03 0.02 8.52
CA ASN C 128 26.64 1.16 7.84
C ASN C 128 26.10 1.32 6.43
N LEU C 129 25.90 0.20 5.75
CA LEU C 129 25.37 0.23 4.41
C LEU C 129 23.95 0.78 4.45
N PHE C 130 23.20 0.38 5.47
CA PHE C 130 21.83 0.84 5.63
C PHE C 130 21.76 2.34 5.87
N GLU C 131 22.58 2.83 6.79
CA GLU C 131 22.61 4.24 7.13
C GLU C 131 23.07 5.06 5.93
N GLU C 132 24.14 4.61 5.29
CA GLU C 132 24.70 5.28 4.14
C GLU C 132 23.72 5.40 2.97
N ARG C 133 23.15 4.29 2.53
CA ARG C 133 22.21 4.34 1.42
C ARG C 133 20.93 5.10 1.78
N ARG C 134 20.45 4.95 3.01
CA ARG C 134 19.22 5.63 3.45
C ARG C 134 19.38 7.14 3.39
N LYS C 135 20.60 7.62 3.63
CA LYS C 135 20.91 9.03 3.57
C LYS C 135 20.64 9.56 2.16
N ILE C 136 20.95 8.77 1.14
CA ILE C 136 20.68 9.20 -0.22
C ILE C 136 19.19 9.05 -0.57
N TYR C 137 18.58 7.92 -0.20
CA TYR C 137 17.17 7.69 -0.47
C TYR C 137 16.29 8.80 0.12
N SER C 138 16.69 9.30 1.29
CA SER C 138 15.94 10.33 2.00
C SER C 138 15.90 11.65 1.26
N LYS C 139 16.70 11.78 0.20
CA LYS C 139 16.71 13.01 -0.59
C LYS C 139 15.61 12.96 -1.63
N ALA C 140 14.84 11.88 -1.62
CA ALA C 140 13.74 11.70 -2.57
C ALA C 140 12.74 12.84 -2.43
N ASP C 141 12.01 13.14 -3.50
CA ASP C 141 11.02 14.21 -3.42
C ASP C 141 9.90 13.81 -2.45
N ILE C 142 9.55 12.53 -2.44
CA ILE C 142 8.50 12.03 -1.56
C ILE C 142 8.95 10.78 -0.81
N LYS C 143 8.61 10.71 0.48
CA LYS C 143 8.95 9.56 1.30
C LYS C 143 7.67 8.97 1.87
N VAL C 144 7.51 7.66 1.76
CA VAL C 144 6.32 7.01 2.30
C VAL C 144 6.71 5.74 3.03
N LYS C 145 5.98 5.45 4.10
CA LYS C 145 6.25 4.27 4.91
C LYS C 145 5.83 3.02 4.17
N GLY C 146 6.80 2.15 3.91
CA GLY C 146 6.52 0.92 3.18
C GLY C 146 5.96 -0.21 4.04
N GLU C 147 5.83 0.04 5.34
CA GLU C 147 5.31 -0.99 6.25
C GLU C 147 3.84 -1.29 5.97
N LYS C 148 3.11 -0.26 5.55
CA LYS C 148 1.68 -0.38 5.23
C LYS C 148 1.49 -1.31 4.04
N PRO C 149 0.24 -1.77 3.81
CA PRO C 149 0.01 -2.67 2.68
C PRO C 149 0.12 -1.92 1.35
N PRO C 150 0.33 -2.67 0.25
CA PRO C 150 0.47 -2.04 -1.07
C PRO C 150 -0.56 -0.95 -1.40
N GLU C 151 -1.84 -1.32 -1.38
CA GLU C 151 -2.93 -0.38 -1.68
C GLU C 151 -2.82 0.95 -0.93
N GLU C 152 -2.42 0.90 0.33
CA GLU C 152 -2.29 2.09 1.15
C GLU C 152 -1.06 2.91 0.76
N VAL C 153 0.01 2.22 0.39
CA VAL C 153 1.22 2.92 -0.01
C VAL C 153 0.92 3.67 -1.30
N VAL C 154 0.27 2.99 -2.25
CA VAL C 154 -0.08 3.61 -3.53
C VAL C 154 -1.03 4.78 -3.36
N LYS C 155 -2.03 4.64 -2.49
CA LYS C 155 -2.98 5.73 -2.28
C LYS C 155 -2.22 6.94 -1.73
N GLU C 156 -1.26 6.67 -0.85
CA GLU C 156 -0.47 7.74 -0.25
C GLU C 156 0.41 8.43 -1.27
N ILE C 157 0.98 7.67 -2.20
CA ILE C 157 1.82 8.28 -3.22
C ILE C 157 0.96 9.18 -4.10
N LEU C 158 -0.14 8.64 -4.61
CA LEU C 158 -1.04 9.38 -5.48
C LEU C 158 -1.46 10.74 -4.92
N LEU C 159 -1.75 10.78 -3.62
CA LEU C 159 -2.19 12.00 -2.97
C LEU C 159 -1.05 12.95 -2.67
N SER C 160 0.18 12.46 -2.78
CA SER C 160 1.36 13.28 -2.51
C SER C 160 1.87 13.99 -3.76
N LEU C 161 1.61 13.39 -4.92
CA LEU C 161 2.05 13.92 -6.20
C LEU C 161 1.66 15.37 -6.47
N GLU C 162 0.38 15.71 -6.33
CA GLU C 162 -0.06 17.09 -6.58
C GLU C 162 0.71 18.10 -5.74
N GLY C 163 0.64 17.97 -4.43
CA GLY C 163 1.32 18.90 -3.54
C GLY C 163 2.81 19.00 -3.83
N ASN C 164 3.40 17.93 -4.31
CA ASN C 164 4.82 17.94 -4.61
C ASN C 164 5.11 18.67 -5.93
N ALA C 165 4.17 18.64 -6.86
CA ALA C 165 4.35 19.29 -8.16
C ALA C 165 4.34 20.81 -8.14
N LEU C 166 3.50 21.41 -7.29
CA LEU C 166 3.41 22.87 -7.24
C LEU C 166 3.58 23.44 -5.82
N ARG D 2 2.91 -32.12 -7.45
CA ARG D 2 2.16 -30.84 -7.45
C ARG D 2 2.53 -30.04 -8.69
N ILE D 3 1.52 -29.66 -9.48
CA ILE D 3 1.77 -28.89 -10.68
C ILE D 3 0.83 -27.67 -10.73
N TYR D 4 1.40 -26.49 -10.90
CA TYR D 4 0.58 -25.27 -10.97
C TYR D 4 0.54 -24.70 -12.38
N LEU D 5 -0.66 -24.44 -12.86
CA LEU D 5 -0.81 -23.87 -14.19
C LEU D 5 -1.13 -22.39 -13.99
N ILE D 6 -0.32 -21.52 -14.57
CA ILE D 6 -0.53 -20.08 -14.44
C ILE D 6 -0.68 -19.43 -15.82
N GLY D 7 -1.28 -18.25 -15.86
CA GLY D 7 -1.47 -17.55 -17.12
C GLY D 7 -2.78 -16.77 -17.13
N PHE D 8 -3.03 -16.05 -18.22
CA PHE D 8 -4.24 -15.25 -18.33
C PHE D 8 -5.53 -16.07 -18.26
N CYS D 10 -8.28 -16.33 -20.22
CA CYS D 10 -8.70 -17.04 -21.42
C CYS D 10 -7.60 -17.98 -21.92
N SER D 11 -6.78 -18.47 -20.99
CA SER D 11 -5.67 -19.35 -21.32
C SER D 11 -6.08 -20.82 -21.38
N GLY D 12 -7.36 -21.07 -21.12
CA GLY D 12 -7.89 -22.44 -21.14
C GLY D 12 -7.32 -23.36 -20.08
N LYS D 13 -6.71 -22.77 -19.05
CA LYS D 13 -6.11 -23.55 -17.98
C LYS D 13 -7.02 -24.62 -17.37
N SER D 14 -8.29 -24.30 -17.17
CA SER D 14 -9.25 -25.25 -16.60
C SER D 14 -9.32 -26.54 -17.41
N THR D 15 -9.51 -26.39 -18.72
CA THR D 15 -9.61 -27.54 -19.61
C THR D 15 -8.27 -28.26 -19.71
N VAL D 16 -7.19 -27.49 -19.92
CA VAL D 16 -5.86 -28.10 -19.99
C VAL D 16 -5.59 -28.82 -18.68
N GLY D 17 -5.84 -28.12 -17.57
CA GLY D 17 -5.63 -28.71 -16.25
C GLY D 17 -6.37 -30.02 -16.03
N SER D 18 -7.65 -30.04 -16.39
CA SER D 18 -8.47 -31.23 -16.22
C SER D 18 -7.94 -32.38 -17.07
N LEU D 19 -7.61 -32.11 -18.33
CA LEU D 19 -7.10 -33.16 -19.22
C LEU D 19 -5.71 -33.62 -18.78
N LEU D 20 -4.89 -32.69 -18.30
CA LEU D 20 -3.57 -33.09 -17.83
C LEU D 20 -3.72 -34.01 -16.61
N SER D 21 -4.59 -33.64 -15.68
CA SER D 21 -4.80 -34.43 -14.48
C SER D 21 -5.38 -35.81 -14.82
N ARG D 22 -6.20 -35.86 -15.86
CA ARG D 22 -6.79 -37.12 -16.29
C ARG D 22 -5.67 -38.01 -16.86
N SER D 23 -4.71 -37.36 -17.51
CA SER D 23 -3.59 -38.08 -18.10
C SER D 23 -2.62 -38.60 -17.05
N LEU D 24 -2.49 -37.89 -15.94
CA LEU D 24 -1.59 -38.30 -14.86
C LEU D 24 -2.33 -38.98 -13.71
N ASN D 25 -3.63 -39.14 -13.85
CA ASN D 25 -4.46 -39.74 -12.81
C ASN D 25 -4.22 -39.13 -11.44
N ILE D 26 -4.39 -37.81 -11.37
CA ILE D 26 -4.26 -37.08 -10.12
C ILE D 26 -5.36 -36.05 -10.12
N PRO D 27 -5.90 -35.71 -8.94
CA PRO D 27 -6.99 -34.73 -8.87
C PRO D 27 -6.65 -33.34 -9.38
N PHE D 28 -7.67 -32.66 -9.89
CA PHE D 28 -7.54 -31.30 -10.40
C PHE D 28 -8.35 -30.31 -9.60
N TYR D 29 -7.81 -29.11 -9.43
CA TYR D 29 -8.49 -28.04 -8.71
C TYR D 29 -8.18 -26.72 -9.36
N ASP D 30 -9.21 -25.88 -9.48
CA ASP D 30 -9.03 -24.55 -10.03
C ASP D 30 -9.26 -23.65 -8.82
N VAL D 31 -8.28 -22.82 -8.49
CA VAL D 31 -8.38 -21.93 -7.34
C VAL D 31 -9.69 -21.14 -7.29
N ASP D 32 -10.00 -20.42 -8.36
CA ASP D 32 -11.24 -19.62 -8.41
C ASP D 32 -12.50 -20.47 -8.24
N GLU D 33 -12.49 -21.69 -8.77
CA GLU D 33 -13.64 -22.57 -8.63
C GLU D 33 -13.84 -22.90 -7.17
N GLU D 34 -12.76 -23.23 -6.50
CA GLU D 34 -12.80 -23.58 -5.09
C GLU D 34 -13.22 -22.42 -4.21
N VAL D 35 -12.75 -21.21 -4.52
CA VAL D 35 -13.13 -20.05 -3.72
C VAL D 35 -14.65 -19.92 -3.71
N GLN D 36 -15.23 -19.79 -4.90
CA GLN D 36 -16.68 -19.67 -5.02
C GLN D 36 -17.37 -20.81 -4.25
N LYS D 37 -16.92 -22.03 -4.51
CA LYS D 37 -17.49 -23.20 -3.85
C LYS D 37 -17.56 -23.05 -2.33
N ARG D 38 -16.44 -22.64 -1.72
CA ARG D 38 -16.39 -22.48 -0.27
C ARG D 38 -17.27 -21.33 0.18
N GLU D 39 -17.07 -20.16 -0.43
CA GLU D 39 -17.82 -18.96 -0.08
C GLU D 39 -19.23 -18.93 -0.65
N GLY D 40 -19.64 -20.02 -1.28
CA GLY D 40 -20.97 -20.11 -1.86
C GLY D 40 -21.39 -18.92 -2.69
N LEU D 41 -20.43 -18.08 -3.07
CA LEU D 41 -20.73 -16.89 -3.86
C LEU D 41 -20.19 -17.04 -5.28
N SER D 42 -20.20 -15.93 -6.02
CA SER D 42 -19.72 -15.89 -7.39
C SER D 42 -18.65 -14.81 -7.46
N ILE D 43 -17.78 -14.87 -8.47
CA ILE D 43 -16.75 -13.86 -8.60
C ILE D 43 -17.40 -12.47 -8.58
N PRO D 44 -18.46 -12.26 -9.38
CA PRO D 44 -19.10 -10.95 -9.37
C PRO D 44 -19.75 -10.67 -8.01
N GLN D 45 -20.37 -11.69 -7.43
CA GLN D 45 -21.04 -11.56 -6.14
C GLN D 45 -20.09 -11.15 -5.01
N ILE D 46 -18.81 -11.45 -5.20
CA ILE D 46 -17.81 -11.12 -4.20
C ILE D 46 -17.28 -9.73 -4.49
N PHE D 47 -17.46 -9.28 -5.73
CA PHE D 47 -17.02 -7.96 -6.16
C PHE D 47 -17.57 -6.81 -5.34
N GLU D 48 -18.85 -6.50 -5.55
CA GLU D 48 -19.53 -5.42 -4.86
C GLU D 48 -19.61 -5.63 -3.36
N LYS D 49 -19.66 -6.88 -2.95
CA LYS D 49 -19.77 -7.21 -1.54
C LYS D 49 -18.54 -6.96 -0.67
N LYS D 50 -17.53 -7.81 -0.80
CA LYS D 50 -16.32 -7.66 0.01
C LYS D 50 -15.08 -7.07 -0.63
N GLY D 51 -15.15 -6.73 -1.91
CA GLY D 51 -14.00 -6.15 -2.57
C GLY D 51 -13.26 -7.12 -3.48
N GLU D 52 -12.38 -6.58 -4.31
CA GLU D 52 -11.61 -7.37 -5.26
C GLU D 52 -10.25 -7.77 -4.70
N ALA D 53 -9.65 -6.86 -3.92
CA ALA D 53 -8.35 -7.14 -3.30
C ALA D 53 -8.59 -8.25 -2.27
N TYR D 54 -9.84 -8.31 -1.80
CA TYR D 54 -10.27 -9.31 -0.84
C TYR D 54 -10.30 -10.67 -1.54
N PHE D 55 -10.95 -10.70 -2.71
CA PHE D 55 -11.07 -11.92 -3.49
C PHE D 55 -9.72 -12.59 -3.67
N ARG D 56 -8.70 -11.80 -3.98
CA ARG D 56 -7.36 -12.31 -4.18
C ARG D 56 -6.72 -12.75 -2.86
N LYS D 57 -7.22 -12.21 -1.76
CA LYS D 57 -6.72 -12.57 -0.45
C LYS D 57 -7.12 -14.02 -0.26
N LEU D 58 -8.36 -14.32 -0.65
CA LEU D 58 -8.89 -15.67 -0.53
C LEU D 58 -8.30 -16.59 -1.59
N GLU D 59 -8.02 -16.05 -2.78
CA GLU D 59 -7.42 -16.86 -3.85
C GLU D 59 -6.12 -17.44 -3.32
N PHE D 60 -5.24 -16.55 -2.86
CA PHE D 60 -3.95 -16.94 -2.33
C PHE D 60 -4.08 -17.92 -1.16
N GLU D 61 -5.11 -17.73 -0.34
CA GLU D 61 -5.33 -18.62 0.80
C GLU D 61 -5.73 -20.01 0.32
N VAL D 62 -6.65 -20.08 -0.66
CA VAL D 62 -7.08 -21.37 -1.19
C VAL D 62 -5.90 -22.08 -1.84
N LEU D 63 -5.07 -21.32 -2.56
CA LEU D 63 -3.88 -21.88 -3.20
C LEU D 63 -3.10 -22.65 -2.15
N LYS D 64 -2.74 -21.96 -1.05
CA LYS D 64 -1.99 -22.56 0.04
C LYS D 64 -2.65 -23.83 0.60
N ASP D 65 -3.95 -23.75 0.87
CA ASP D 65 -4.69 -24.89 1.40
C ASP D 65 -4.61 -26.09 0.47
N LEU D 66 -4.85 -25.84 -0.82
CA LEU D 66 -4.81 -26.90 -1.83
C LEU D 66 -3.41 -27.49 -1.94
N SER D 67 -2.41 -26.62 -1.80
CA SER D 67 -1.02 -27.02 -1.89
C SER D 67 -0.61 -27.97 -0.78
N GLU D 68 -1.55 -28.28 0.11
CA GLU D 68 -1.29 -29.19 1.21
C GLU D 68 -1.31 -30.61 0.66
N LYS D 69 -1.98 -30.78 -0.47
CA LYS D 69 -2.09 -32.07 -1.14
C LYS D 69 -0.75 -32.38 -1.82
N GLU D 70 -0.35 -33.64 -1.77
CA GLU D 70 0.92 -34.09 -2.36
C GLU D 70 0.81 -34.28 -3.87
N ASN D 71 -0.34 -34.78 -4.31
CA ASN D 71 -0.56 -35.04 -5.73
C ASN D 71 -1.76 -34.24 -6.20
N VAL D 72 -1.51 -33.29 -7.09
CA VAL D 72 -2.59 -32.48 -7.60
C VAL D 72 -2.09 -31.52 -8.67
N VAL D 73 -3.01 -31.11 -9.52
CA VAL D 73 -2.74 -30.16 -10.58
C VAL D 73 -3.61 -28.95 -10.22
N ILE D 74 -3.00 -27.81 -9.98
CA ILE D 74 -3.75 -26.62 -9.61
C ILE D 74 -3.67 -25.52 -10.64
N SER D 75 -4.84 -25.14 -11.15
CA SER D 75 -4.99 -24.08 -12.12
C SER D 75 -5.21 -22.79 -11.33
N THR D 76 -4.55 -21.71 -11.72
CA THR D 76 -4.71 -20.45 -10.99
C THR D 76 -5.35 -19.33 -11.81
N GLY D 77 -6.00 -18.40 -11.13
CA GLY D 77 -6.64 -17.30 -11.80
C GLY D 77 -5.60 -16.43 -12.50
N GLY D 78 -6.05 -15.39 -13.18
CA GLY D 78 -5.12 -14.53 -13.88
C GLY D 78 -4.15 -13.82 -12.96
N GLY D 79 -4.68 -12.89 -12.16
CA GLY D 79 -3.85 -12.11 -11.26
C GLY D 79 -3.04 -12.87 -10.21
N LEU D 80 -3.52 -14.05 -9.81
CA LEU D 80 -2.82 -14.83 -8.80
C LEU D 80 -1.46 -15.29 -9.36
N GLY D 81 -1.47 -15.80 -10.58
CA GLY D 81 -0.24 -16.27 -11.19
C GLY D 81 0.76 -15.17 -11.47
N ALA D 82 0.29 -13.92 -11.49
CA ALA D 82 1.14 -12.77 -11.77
C ALA D 82 1.73 -12.12 -10.52
N ASN D 83 1.35 -12.60 -9.34
CA ASN D 83 1.87 -12.05 -8.09
C ASN D 83 3.14 -12.82 -7.73
N GLU D 84 4.27 -12.12 -7.66
CA GLU D 84 5.53 -12.78 -7.33
C GLU D 84 5.54 -13.58 -6.03
N GLU D 85 4.89 -13.08 -5.00
CA GLU D 85 4.85 -13.80 -3.73
C GLU D 85 4.08 -15.11 -3.91
N ALA D 86 3.01 -15.07 -4.68
CA ALA D 86 2.22 -16.27 -4.93
C ALA D 86 3.03 -17.26 -5.77
N LEU D 87 3.69 -16.75 -6.81
CA LEU D 87 4.50 -17.60 -7.68
C LEU D 87 5.62 -18.26 -6.89
N ASN D 88 6.29 -17.51 -6.02
CA ASN D 88 7.37 -18.05 -5.21
C ASN D 88 6.87 -19.18 -4.32
N PHE D 89 5.70 -19.00 -3.70
CA PHE D 89 5.15 -20.04 -2.85
C PHE D 89 4.96 -21.31 -3.69
N LYS D 91 6.55 -22.17 -6.60
CA LYS D 91 7.82 -22.74 -7.02
C LYS D 91 8.48 -23.55 -5.92
N SER D 92 8.21 -23.19 -4.67
CA SER D 92 8.80 -23.90 -3.54
C SER D 92 8.12 -25.22 -3.25
N ARG D 93 6.86 -25.35 -3.65
CA ARG D 93 6.11 -26.58 -3.39
C ARG D 93 5.87 -27.48 -4.61
N GLY D 94 6.17 -26.99 -5.81
CA GLY D 94 5.94 -27.81 -6.99
C GLY D 94 6.50 -27.23 -8.28
N THR D 95 5.96 -27.71 -9.41
CA THR D 95 6.39 -27.26 -10.73
C THR D 95 5.38 -26.26 -11.32
N THR D 96 5.87 -25.08 -11.66
CA THR D 96 5.04 -24.03 -12.25
C THR D 96 5.04 -24.08 -13.77
N VAL D 97 3.85 -24.07 -14.35
CA VAL D 97 3.71 -24.12 -15.81
C VAL D 97 2.98 -22.91 -16.35
N PHE D 98 3.66 -22.16 -17.20
CA PHE D 98 3.04 -20.99 -17.81
C PHE D 98 2.47 -21.40 -19.16
N ILE D 99 1.14 -21.36 -19.28
CA ILE D 99 0.47 -21.68 -20.54
C ILE D 99 0.42 -20.31 -21.21
N ASP D 100 1.40 -20.08 -22.08
CA ASP D 100 1.60 -18.80 -22.76
C ASP D 100 0.83 -18.63 -24.09
N ILE D 101 0.00 -17.59 -24.15
CA ILE D 101 -0.76 -17.28 -25.36
C ILE D 101 -0.38 -15.90 -25.88
N PRO D 102 -0.19 -15.77 -27.20
CA PRO D 102 0.17 -14.50 -27.83
C PRO D 102 -0.89 -13.43 -27.60
N PHE D 103 -0.47 -12.16 -27.61
CA PHE D 103 -1.38 -11.06 -27.40
C PHE D 103 -2.61 -11.08 -28.29
N GLU D 104 -2.44 -11.32 -29.59
CA GLU D 104 -3.59 -11.33 -30.49
C GLU D 104 -4.63 -12.37 -30.06
N VAL D 105 -4.14 -13.52 -29.61
CA VAL D 105 -5.03 -14.59 -29.16
C VAL D 105 -5.73 -14.21 -27.84
N PHE D 106 -4.99 -13.55 -26.96
CA PHE D 106 -5.55 -13.11 -25.69
C PHE D 106 -6.70 -12.15 -25.98
N LEU D 107 -6.49 -11.23 -26.92
CA LEU D 107 -7.50 -10.26 -27.31
C LEU D 107 -8.71 -10.97 -27.94
N GLU D 108 -8.47 -12.06 -28.65
CA GLU D 108 -9.57 -12.80 -29.30
C GLU D 108 -10.42 -13.64 -28.35
N ARG D 109 -9.77 -14.35 -27.44
CA ARG D 109 -10.46 -15.20 -26.48
C ARG D 109 -10.96 -14.51 -25.21
N CYS D 110 -10.30 -13.43 -24.81
CA CYS D 110 -10.70 -12.70 -23.62
C CYS D 110 -11.68 -11.57 -23.99
N ARG D 121 -12.85 -0.49 -23.22
CA ARG D 121 -11.51 -0.76 -22.61
C ARG D 121 -10.41 -0.49 -23.66
N PRO D 122 -9.75 0.68 -23.58
CA PRO D 122 -8.68 1.11 -24.50
C PRO D 122 -7.56 0.12 -24.76
N LEU D 123 -7.28 -0.12 -26.04
CA LEU D 123 -6.26 -1.05 -26.46
C LEU D 123 -4.93 -0.80 -25.76
N ASP D 124 -4.54 0.46 -25.62
CA ASP D 124 -3.27 0.78 -24.98
C ASP D 124 -3.15 0.23 -23.57
N GLU D 125 -4.20 0.36 -22.78
CA GLU D 125 -4.18 -0.13 -21.40
C GLU D 125 -4.12 -1.64 -21.32
N ILE D 126 -4.93 -2.32 -22.15
CA ILE D 126 -4.95 -3.78 -22.18
C ILE D 126 -3.53 -4.29 -22.47
N LYS D 127 -2.85 -3.62 -23.41
CA LYS D 127 -1.50 -4.02 -23.79
C LYS D 127 -0.53 -3.98 -22.62
N ASN D 128 -0.47 -2.85 -21.93
CA ASN D 128 0.43 -2.69 -20.78
C ASN D 128 0.19 -3.78 -19.74
N LEU D 129 -1.07 -4.07 -19.45
CA LEU D 129 -1.43 -5.11 -18.49
C LEU D 129 -0.87 -6.45 -18.92
N PHE D 130 -1.09 -6.78 -20.19
CA PHE D 130 -0.62 -8.03 -20.76
C PHE D 130 0.91 -8.12 -20.68
N GLU D 131 1.59 -7.04 -21.07
CA GLU D 131 3.05 -7.00 -21.07
C GLU D 131 3.64 -7.09 -19.67
N GLU D 132 3.02 -6.41 -18.72
CA GLU D 132 3.50 -6.43 -17.34
C GLU D 132 3.41 -7.82 -16.73
N ARG D 133 2.21 -8.40 -16.76
CA ARG D 133 1.99 -9.72 -16.20
C ARG D 133 2.75 -10.84 -16.91
N ARG D 134 2.83 -10.78 -18.23
CA ARG D 134 3.53 -11.82 -18.96
C ARG D 134 5.00 -11.93 -18.51
N LYS D 135 5.58 -10.82 -18.05
CA LYS D 135 6.96 -10.83 -17.57
C LYS D 135 7.03 -11.64 -16.28
N ILE D 136 5.95 -11.60 -15.52
CA ILE D 136 5.87 -12.33 -14.26
C ILE D 136 5.61 -13.81 -14.54
N TYR D 137 4.60 -14.10 -15.35
CA TYR D 137 4.27 -15.50 -15.70
C TYR D 137 5.49 -16.20 -16.26
N SER D 138 6.25 -15.46 -17.07
CA SER D 138 7.45 -16.00 -17.71
C SER D 138 8.53 -16.50 -16.75
N LYS D 139 8.37 -16.24 -15.47
CA LYS D 139 9.36 -16.71 -14.49
C LYS D 139 9.04 -18.14 -14.08
N ALA D 140 8.00 -18.71 -14.67
CA ALA D 140 7.59 -20.07 -14.36
C ALA D 140 8.72 -21.04 -14.72
N ASP D 141 8.73 -22.19 -14.08
CA ASP D 141 9.75 -23.20 -14.35
C ASP D 141 9.60 -23.68 -15.78
N ILE D 142 8.36 -23.77 -16.24
CA ILE D 142 8.10 -24.25 -17.59
C ILE D 142 7.15 -23.32 -18.33
N LYS D 143 7.34 -23.21 -19.64
CA LYS D 143 6.49 -22.37 -20.49
C LYS D 143 6.07 -23.19 -21.72
N VAL D 144 4.78 -23.18 -22.04
CA VAL D 144 4.27 -23.90 -23.21
C VAL D 144 3.33 -23.02 -24.02
N LYS D 145 3.27 -23.25 -25.32
CA LYS D 145 2.38 -22.48 -26.19
C LYS D 145 0.93 -22.90 -25.91
N GLY D 146 0.09 -21.95 -25.50
CA GLY D 146 -1.29 -22.27 -25.20
C GLY D 146 -2.30 -21.98 -26.30
N GLU D 147 -1.79 -21.49 -27.42
CA GLU D 147 -2.57 -21.12 -28.60
C GLU D 147 -3.17 -22.29 -29.38
N LYS D 148 -2.96 -23.51 -28.91
CA LYS D 148 -3.49 -24.67 -29.62
C LYS D 148 -4.56 -25.41 -28.82
N PRO D 149 -5.17 -26.43 -29.43
CA PRO D 149 -6.20 -27.18 -28.73
C PRO D 149 -5.62 -27.74 -27.41
N PRO D 150 -6.49 -27.97 -26.42
CA PRO D 150 -6.09 -28.49 -25.11
C PRO D 150 -5.20 -29.73 -25.16
N GLU D 151 -5.62 -30.75 -25.91
CA GLU D 151 -4.84 -31.98 -26.01
C GLU D 151 -3.40 -31.72 -26.39
N GLU D 152 -3.19 -30.80 -27.32
CA GLU D 152 -1.83 -30.50 -27.74
C GLU D 152 -1.04 -29.77 -26.66
N VAL D 153 -1.74 -28.98 -25.85
CA VAL D 153 -1.04 -28.27 -24.78
C VAL D 153 -0.64 -29.27 -23.70
N VAL D 154 -1.51 -30.25 -23.46
CA VAL D 154 -1.21 -31.28 -22.48
C VAL D 154 0.04 -32.05 -22.92
N LYS D 155 0.11 -32.40 -24.20
CA LYS D 155 1.30 -33.10 -24.69
C LYS D 155 2.55 -32.24 -24.47
N GLU D 156 2.45 -30.94 -24.70
CA GLU D 156 3.59 -30.05 -24.54
C GLU D 156 4.06 -30.03 -23.09
N ILE D 157 3.10 -30.02 -22.17
CA ILE D 157 3.43 -30.02 -20.76
C ILE D 157 4.12 -31.33 -20.41
N LEU D 158 3.58 -32.45 -20.90
CA LEU D 158 4.17 -33.76 -20.62
C LEU D 158 5.63 -33.83 -21.09
N LEU D 159 5.88 -33.47 -22.35
CA LEU D 159 7.24 -33.50 -22.88
C LEU D 159 8.15 -32.52 -22.16
N SER D 160 7.61 -31.37 -21.76
CA SER D 160 8.40 -30.38 -21.02
C SER D 160 8.79 -30.93 -19.65
N LEU D 161 7.92 -31.73 -19.04
CA LEU D 161 8.26 -32.31 -17.74
C LEU D 161 9.46 -33.26 -17.92
N GLU D 162 9.50 -33.97 -19.04
CA GLU D 162 10.62 -34.87 -19.28
C GLU D 162 11.87 -34.01 -19.43
N GLY D 163 11.76 -32.96 -20.25
CA GLY D 163 12.88 -32.07 -20.44
C GLY D 163 13.37 -31.56 -19.09
N ASN D 164 12.41 -31.29 -18.20
CA ASN D 164 12.73 -30.79 -16.87
C ASN D 164 13.51 -31.82 -16.06
N ALA D 165 13.05 -33.07 -16.09
CA ALA D 165 13.71 -34.15 -15.35
C ALA D 165 15.13 -34.33 -15.87
N LEU D 166 15.31 -34.20 -17.19
CA LEU D 166 16.63 -34.34 -17.77
C LEU D 166 17.51 -33.23 -17.19
N GLY D 167 18.49 -33.63 -16.40
CA GLY D 167 19.39 -32.66 -15.78
C GLY D 167 18.70 -31.72 -14.81
N GLY D 168 18.04 -32.27 -13.80
CA GLY D 168 17.36 -31.44 -12.81
C GLY D 168 16.00 -31.95 -12.38
#